data_8VYC
#
_entry.id   8VYC
#
_entity_poly.entity_id   1
_entity_poly.type   'polypeptide(L)'
_entity_poly.pdbx_seq_one_letter_code
;CGCMRVTYPDGQKPGQSDVEKD
;
_entity_poly.pdbx_strand_id   A
#
# COMPACT_ATOMS: atom_id res chain seq x y z
N CYS A 1 -3.60 -8.96 -6.52
CA CYS A 1 -4.36 -10.17 -6.17
C CYS A 1 -3.50 -11.18 -5.38
N GLY A 2 -4.22 -12.18 -4.77
CA GLY A 2 -3.59 -13.02 -3.76
C GLY A 2 -3.79 -12.39 -2.38
N CYS A 3 -3.40 -13.18 -1.33
CA CYS A 3 -3.60 -12.79 0.08
C CYS A 3 -2.39 -11.96 0.54
N MET A 4 -2.21 -10.78 -0.13
CA MET A 4 -1.13 -9.85 0.18
C MET A 4 -1.67 -8.41 0.04
N ARG A 5 -0.87 -7.45 0.62
CA ARG A 5 -1.11 -6.02 0.45
C ARG A 5 0.25 -5.30 0.60
N VAL A 6 1.03 -5.35 -0.54
CA VAL A 6 2.08 -4.35 -0.73
C VAL A 6 1.29 -3.07 -1.16
N THR A 7 1.92 -1.86 -1.01
CA THR A 7 1.27 -0.61 -1.39
C THR A 7 2.26 0.31 -2.12
N TYR A 8 1.67 1.35 -2.81
CA TYR A 8 2.44 2.28 -3.62
C TYR A 8 3.10 3.37 -2.74
N PRO A 9 4.12 4.13 -3.28
CA PRO A 9 4.80 5.16 -2.50
C PRO A 9 3.95 6.46 -2.49
N ASP A 10 2.88 6.41 -1.62
CA ASP A 10 1.80 7.40 -1.70
C ASP A 10 2.31 8.69 -1.04
N GLY A 11 3.04 9.51 -1.88
CA GLY A 11 3.86 10.56 -1.34
C GLY A 11 5.15 9.94 -0.80
N GLN A 12 5.00 9.34 0.45
CA GLN A 12 5.95 8.32 0.88
C GLN A 12 5.31 7.37 1.91
N LYS A 13 4.54 8.00 2.88
CA LYS A 13 4.39 7.37 4.20
C LYS A 13 3.19 7.91 5.02
N PRO A 14 1.92 7.77 4.52
CA PRO A 14 0.74 8.20 5.27
C PRO A 14 0.40 7.15 6.35
N GLY A 15 1.24 7.19 7.44
CA GLY A 15 1.11 6.28 8.58
C GLY A 15 1.73 4.88 8.36
N GLN A 16 2.18 4.64 7.08
CA GLN A 16 2.48 3.30 6.57
C GLN A 16 1.20 2.45 6.35
N SER A 17 0.06 3.19 6.12
CA SER A 17 -0.90 2.71 5.13
C SER A 17 -0.35 3.14 3.76
N ASP A 18 -0.93 2.50 2.69
CA ASP A 18 -0.80 3.01 1.33
C ASP A 18 -1.91 2.34 0.48
N VAL A 19 -2.14 2.86 -0.76
CA VAL A 19 -3.16 2.35 -1.66
C VAL A 19 -2.58 1.13 -2.43
N GLU A 20 -3.51 0.14 -2.68
CA GLU A 20 -3.29 -0.97 -3.62
C GLU A 20 -4.58 -1.85 -3.57
N LYS A 21 -4.64 -2.78 -4.57
CA LYS A 21 -5.64 -3.85 -4.65
C LYS A 21 -5.18 -5.04 -3.77
N ASP A 22 -3.89 -5.46 -3.92
CA ASP A 22 -3.35 -6.73 -3.43
C ASP A 22 -1.88 -6.67 -3.23
N CYS A 1 -6.52 -8.17 0.72
CA CYS A 1 -5.21 -7.49 0.77
C CYS A 1 -4.24 -8.21 -0.19
N GLY A 2 -3.26 -7.42 -0.73
CA GLY A 2 -2.38 -7.89 -1.79
C GLY A 2 -1.20 -8.72 -1.27
N CYS A 3 -1.55 -9.89 -0.59
CA CYS A 3 -0.56 -10.59 0.22
C CYS A 3 0.57 -11.18 -0.65
N MET A 4 0.17 -11.58 -1.91
CA MET A 4 1.14 -11.71 -2.98
C MET A 4 0.87 -10.53 -3.92
N ARG A 5 1.97 -9.79 -4.29
CA ARG A 5 1.92 -8.56 -5.09
C ARG A 5 1.68 -7.31 -4.20
N VAL A 6 2.40 -7.32 -3.01
CA VAL A 6 2.28 -6.21 -2.06
C VAL A 6 2.73 -4.89 -2.76
N THR A 7 1.84 -3.86 -2.60
CA THR A 7 2.06 -2.52 -3.12
C THR A 7 2.74 -1.67 -2.04
N TYR A 8 3.42 -0.56 -2.51
CA TYR A 8 4.05 0.37 -1.55
C TYR A 8 4.30 1.69 -2.29
N PRO A 9 3.32 2.68 -2.20
CA PRO A 9 3.53 3.99 -2.80
C PRO A 9 4.40 4.85 -1.84
N ASP A 10 4.62 6.13 -2.28
CA ASP A 10 5.53 7.11 -1.68
C ASP A 10 4.87 7.86 -0.46
N GLY A 11 5.28 9.17 -0.30
CA GLY A 11 4.84 9.99 0.80
C GLY A 11 5.68 9.71 2.06
N GLN A 12 5.46 10.61 3.10
CA GLN A 12 5.97 10.33 4.46
C GLN A 12 5.01 9.39 5.25
N LYS A 13 4.34 8.49 4.44
CA LYS A 13 3.54 7.40 4.93
C LYS A 13 2.34 7.77 5.85
N PRO A 14 1.50 8.80 5.46
CA PRO A 14 0.32 9.15 6.27
C PRO A 14 -0.82 8.14 5.99
N GLY A 15 -0.67 6.93 6.63
CA GLY A 15 -1.61 5.83 6.47
C GLY A 15 -1.40 4.99 5.20
N GLN A 16 -0.99 5.69 4.08
CA GLN A 16 -1.14 5.11 2.74
C GLN A 16 -0.07 4.01 2.52
N SER A 17 -0.43 2.78 3.05
CA SER A 17 0.48 1.64 3.11
C SER A 17 0.61 0.98 1.73
N ASP A 18 -0.56 0.85 1.03
CA ASP A 18 -0.63 0.30 -0.33
C ASP A 18 -1.61 1.22 -1.11
N VAL A 19 -1.89 0.83 -2.40
CA VAL A 19 -2.77 1.61 -3.30
C VAL A 19 -3.60 0.64 -4.18
N GLU A 20 -3.80 -0.60 -3.58
CA GLU A 20 -4.84 -1.52 -4.03
C GLU A 20 -6.02 -1.40 -3.01
N LYS A 21 -7.08 -2.26 -3.16
CA LYS A 21 -8.26 -2.13 -2.30
C LYS A 21 -8.89 -3.45 -1.75
N ASP A 22 -8.05 -4.51 -1.63
CA ASP A 22 -8.27 -5.61 -0.69
C ASP A 22 -7.86 -5.16 0.66
N CYS A 1 -2.56 -5.62 -6.57
CA CYS A 1 -2.35 -6.89 -7.30
C CYS A 1 -1.73 -7.82 -6.25
N GLY A 2 -2.65 -8.64 -5.63
CA GLY A 2 -2.34 -9.34 -4.39
C GLY A 2 -2.80 -8.47 -3.22
N CYS A 3 -3.80 -9.04 -2.44
CA CYS A 3 -4.38 -8.34 -1.29
C CYS A 3 -3.67 -8.79 0.01
N MET A 4 -3.15 -10.07 -0.04
CA MET A 4 -2.31 -10.57 1.06
C MET A 4 -0.89 -10.13 0.68
N ARG A 5 -0.51 -8.92 1.21
CA ARG A 5 0.68 -8.22 0.72
C ARG A 5 1.05 -7.15 1.77
N VAL A 6 2.37 -6.75 1.74
CA VAL A 6 2.88 -5.61 2.51
C VAL A 6 3.43 -4.64 1.44
N THR A 7 3.38 -3.31 1.77
CA THR A 7 3.75 -2.25 0.83
C THR A 7 4.33 -1.06 1.62
N TYR A 8 5.02 -0.16 0.84
CA TYR A 8 5.38 1.18 1.32
C TYR A 8 4.90 2.12 0.20
N PRO A 9 3.74 2.83 0.40
CA PRO A 9 3.18 3.70 -0.63
C PRO A 9 3.91 5.06 -0.72
N ASP A 10 3.44 5.88 -1.74
CA ASP A 10 4.18 7.04 -2.24
C ASP A 10 3.56 8.40 -1.77
N GLY A 11 4.47 9.44 -1.71
CA GLY A 11 4.08 10.77 -2.12
C GLY A 11 3.15 11.50 -1.16
N GLN A 12 1.81 11.34 -1.48
CA GLN A 12 0.77 11.94 -0.66
C GLN A 12 0.42 11.13 0.61
N LYS A 13 0.69 9.79 0.56
CA LYS A 13 0.32 8.88 1.64
C LYS A 13 1.39 7.78 1.91
N PRO A 14 2.68 8.18 2.16
CA PRO A 14 3.70 7.21 2.54
C PRO A 14 3.56 6.83 4.04
N GLY A 15 4.41 5.84 4.45
CA GLY A 15 4.43 5.37 5.82
C GLY A 15 3.60 4.08 5.97
N GLN A 16 2.98 3.96 7.20
CA GLN A 16 2.18 2.78 7.51
C GLN A 16 0.78 2.97 6.89
N SER A 17 0.66 2.44 5.63
CA SER A 17 -0.56 2.50 4.82
C SER A 17 -0.34 1.59 3.60
N ASP A 18 -1.46 1.22 2.91
CA ASP A 18 -1.37 0.62 1.56
C ASP A 18 -2.81 0.62 1.00
N VAL A 19 -3.02 0.00 -0.21
CA VAL A 19 -4.27 0.17 -0.96
C VAL A 19 -4.91 -1.20 -1.34
N GLU A 20 -4.10 -2.08 -2.02
CA GLU A 20 -4.32 -3.53 -2.02
C GLU A 20 -5.61 -4.07 -2.67
N LYS A 21 -6.35 -3.14 -3.36
CA LYS A 21 -7.67 -3.50 -3.89
C LYS A 21 -7.56 -4.38 -5.16
N ASP A 22 -6.31 -4.38 -5.75
CA ASP A 22 -5.94 -5.34 -6.78
C ASP A 22 -5.69 -6.68 -6.22
N CYS A 1 -6.20 -7.34 -1.12
CA CYS A 1 -5.80 -8.66 -1.62
C CYS A 1 -6.30 -8.88 -3.06
N GLY A 2 -6.20 -7.77 -3.87
CA GLY A 2 -6.11 -7.95 -5.32
C GLY A 2 -4.73 -8.48 -5.71
N CYS A 3 -3.68 -8.04 -4.93
CA CYS A 3 -2.37 -8.67 -4.92
C CYS A 3 -2.09 -9.16 -3.49
N MET A 4 -1.39 -10.33 -3.38
CA MET A 4 -1.11 -10.93 -2.07
C MET A 4 0.16 -10.29 -1.47
N ARG A 5 0.16 -8.91 -1.42
CA ARG A 5 1.28 -8.09 -0.97
C ARG A 5 0.71 -6.73 -0.51
N VAL A 6 1.59 -5.98 0.24
CA VAL A 6 1.44 -4.52 0.31
C VAL A 6 2.42 -4.01 -0.78
N THR A 7 2.11 -2.80 -1.34
CA THR A 7 2.98 -2.13 -2.30
C THR A 7 4.08 -1.33 -1.55
N TYR A 8 4.92 -0.55 -2.34
CA TYR A 8 5.83 0.41 -1.70
C TYR A 8 4.94 1.58 -1.23
N PRO A 9 5.33 2.33 -0.15
CA PRO A 9 4.36 3.22 0.47
C PRO A 9 3.96 4.41 -0.40
N ASP A 10 2.67 4.88 -0.15
CA ASP A 10 1.98 5.68 -1.17
C ASP A 10 2.49 7.15 -1.16
N GLY A 11 1.75 8.04 -1.92
CA GLY A 11 2.19 9.38 -2.20
C GLY A 11 2.33 10.25 -0.94
N GLN A 12 3.60 10.19 -0.37
CA GLN A 12 3.95 10.80 0.90
C GLN A 12 3.40 10.06 2.14
N LYS A 13 3.16 8.72 1.96
CA LYS A 13 2.76 7.78 3.00
C LYS A 13 1.56 8.29 3.86
N PRO A 14 0.31 8.35 3.29
CA PRO A 14 -0.90 8.65 4.05
C PRO A 14 -1.28 7.40 4.88
N GLY A 15 -0.44 7.19 5.97
CA GLY A 15 -0.33 5.87 6.55
C GLY A 15 0.83 5.11 5.89
N GLN A 16 1.33 4.06 6.62
CA GLN A 16 2.42 3.24 6.10
C GLN A 16 1.80 2.05 5.33
N SER A 17 1.20 2.41 4.14
CA SER A 17 0.58 1.45 3.24
C SER A 17 0.50 2.10 1.84
N ASP A 18 -0.23 1.42 0.89
CA ASP A 18 -0.38 1.91 -0.48
C ASP A 18 -1.69 1.43 -1.13
N VAL A 19 -1.85 1.76 -2.47
CA VAL A 19 -3.16 1.58 -3.13
C VAL A 19 -3.63 0.12 -2.93
N GLU A 20 -2.69 -0.85 -3.17
CA GLU A 20 -2.94 -2.26 -2.85
C GLU A 20 -2.48 -2.61 -1.41
N LYS A 21 -3.22 -1.93 -0.47
CA LYS A 21 -3.18 -2.16 0.97
C LYS A 21 -3.57 -3.57 1.51
N ASP A 22 -3.21 -4.65 0.76
CA ASP A 22 -3.49 -6.02 1.18
C ASP A 22 -2.28 -6.66 1.72
N CYS A 1 -2.19 -8.42 -9.21
CA CYS A 1 -3.44 -8.51 -8.43
C CYS A 1 -3.06 -8.79 -6.96
N GLY A 2 -3.51 -7.83 -6.09
CA GLY A 2 -3.08 -7.81 -4.69
C GLY A 2 -4.04 -6.87 -3.95
N CYS A 3 -4.47 -7.35 -2.73
CA CYS A 3 -5.36 -6.57 -1.85
C CYS A 3 -5.40 -7.29 -0.47
N MET A 4 -4.21 -7.89 -0.11
CA MET A 4 -4.08 -8.62 1.15
C MET A 4 -3.69 -7.70 2.31
N ARG A 5 -2.81 -6.67 2.02
CA ARG A 5 -2.10 -5.92 3.03
C ARG A 5 -2.00 -4.43 2.64
N VAL A 6 -3.23 -3.85 2.39
CA VAL A 6 -3.35 -2.47 1.90
C VAL A 6 -2.87 -1.51 3.02
N THR A 7 -1.58 -1.06 2.84
CA THR A 7 -0.96 -0.08 3.74
C THR A 7 -0.16 0.99 2.96
N TYR A 8 -0.39 0.99 1.59
CA TYR A 8 0.40 1.80 0.68
C TYR A 8 -0.16 1.73 -0.76
N PRO A 9 -1.48 2.05 -0.98
CA PRO A 9 -2.09 1.85 -2.30
C PRO A 9 -1.50 2.79 -3.38
N ASP A 10 -1.92 4.09 -3.33
CA ASP A 10 -1.36 5.21 -4.08
C ASP A 10 -0.41 6.06 -3.19
N GLY A 11 -0.81 6.21 -1.87
CA GLY A 11 -0.42 7.40 -1.16
C GLY A 11 1.07 7.40 -0.83
N GLN A 12 1.75 8.54 -1.24
CA GLN A 12 3.19 8.44 -1.48
C GLN A 12 3.98 8.11 -0.18
N LYS A 13 3.56 8.76 0.96
CA LYS A 13 4.02 8.34 2.29
C LYS A 13 3.24 8.98 3.46
N PRO A 14 1.90 8.66 3.59
CA PRO A 14 1.10 9.14 4.73
C PRO A 14 1.39 8.28 5.99
N GLY A 15 2.67 8.36 6.46
CA GLY A 15 3.14 7.68 7.65
C GLY A 15 3.45 6.19 7.45
N GLN A 16 2.46 5.46 6.84
CA GLN A 16 2.55 4.03 6.64
C GLN A 16 3.43 3.70 5.40
N SER A 17 3.79 2.38 5.29
CA SER A 17 4.37 1.82 4.08
C SER A 17 4.26 0.29 4.13
N ASP A 18 4.15 -0.33 2.92
CA ASP A 18 4.04 -1.78 2.71
C ASP A 18 4.01 -2.00 1.17
N VAL A 19 3.89 -3.29 0.73
CA VAL A 19 4.16 -3.60 -0.69
C VAL A 19 2.97 -3.21 -1.62
N GLU A 20 1.75 -3.15 -1.01
CA GLU A 20 0.54 -3.64 -1.71
C GLU A 20 0.19 -2.81 -2.97
N LYS A 21 -0.14 -3.58 -4.07
CA LYS A 21 -0.62 -3.12 -5.37
C LYS A 21 -0.38 -4.24 -6.41
N ASP A 22 -0.84 -3.99 -7.69
CA ASP A 22 -0.67 -4.99 -8.75
C ASP A 22 -0.75 -4.32 -10.07
N CYS A 1 -3.34 -8.86 2.12
CA CYS A 1 -2.27 -9.01 1.11
C CYS A 1 -2.39 -10.44 0.54
N GLY A 2 -3.64 -10.75 0.03
CA GLY A 2 -4.03 -12.10 -0.33
C GLY A 2 -3.47 -12.57 -1.67
N CYS A 3 -2.10 -12.64 -1.71
CA CYS A 3 -1.30 -12.91 -2.90
C CYS A 3 -1.12 -11.63 -3.78
N MET A 4 -1.81 -10.54 -3.35
CA MET A 4 -1.47 -9.17 -3.78
C MET A 4 -0.35 -8.73 -2.79
N ARG A 5 0.46 -7.71 -3.23
CA ARG A 5 1.46 -7.13 -2.33
C ARG A 5 1.33 -5.59 -2.43
N VAL A 6 1.92 -4.90 -1.39
CA VAL A 6 1.68 -3.47 -1.23
C VAL A 6 2.20 -2.69 -2.46
N THR A 7 1.43 -1.58 -2.78
CA THR A 7 1.79 -0.66 -3.84
C THR A 7 2.85 0.34 -3.31
N TYR A 8 3.27 1.31 -4.20
CA TYR A 8 4.16 2.35 -3.70
C TYR A 8 3.33 3.33 -2.85
N PRO A 9 3.91 3.85 -1.71
CA PRO A 9 3.22 4.84 -0.88
C PRO A 9 3.58 6.26 -1.34
N ASP A 10 3.07 7.25 -0.53
CA ASP A 10 3.17 8.67 -0.87
C ASP A 10 4.57 9.15 -0.40
N GLY A 11 5.61 8.64 -1.15
CA GLY A 11 7.00 8.91 -0.83
C GLY A 11 7.41 8.21 0.47
N GLN A 12 7.21 9.00 1.58
CA GLN A 12 7.50 8.50 2.94
C GLN A 12 6.38 7.55 3.41
N LYS A 13 5.08 7.98 3.15
CA LYS A 13 3.84 7.34 3.63
C LYS A 13 3.30 8.05 4.89
N PRO A 14 2.13 8.78 4.80
CA PRO A 14 1.50 9.38 5.97
C PRO A 14 0.65 8.31 6.70
N GLY A 15 1.37 7.24 7.19
CA GLY A 15 0.76 6.14 7.91
C GLY A 15 0.07 5.08 7.03
N GLN A 16 -0.62 5.57 5.96
CA GLN A 16 -1.58 4.74 5.22
C GLN A 16 -0.93 3.59 4.41
N SER A 17 -1.82 2.61 3.99
CA SER A 17 -1.44 1.74 2.87
C SER A 17 -1.84 2.48 1.58
N ASP A 18 -1.27 2.02 0.42
CA ASP A 18 -1.78 2.49 -0.87
C ASP A 18 -3.02 1.65 -1.20
N VAL A 19 -3.59 1.81 -2.45
CA VAL A 19 -4.93 1.27 -2.75
C VAL A 19 -4.89 -0.28 -3.06
N GLU A 20 -4.04 -0.98 -2.25
CA GLU A 20 -4.06 -2.44 -2.09
C GLU A 20 -5.28 -2.72 -1.17
N LYS A 21 -5.70 -4.03 -1.16
CA LYS A 21 -6.84 -4.44 -0.33
C LYS A 21 -6.34 -4.73 1.10
N ASP A 22 -5.10 -5.33 1.19
CA ASP A 22 -4.30 -5.30 2.41
C ASP A 22 -3.61 -3.98 2.51
N CYS A 1 -3.90 -7.50 -3.13
CA CYS A 1 -3.67 -8.82 -3.74
C CYS A 1 -3.89 -9.88 -2.63
N GLY A 2 -4.87 -9.53 -1.72
CA GLY A 2 -4.71 -10.02 -0.35
C GLY A 2 -3.61 -9.15 0.28
N CYS A 3 -3.00 -9.70 1.37
CA CYS A 3 -2.06 -8.88 2.17
C CYS A 3 -0.76 -8.60 1.40
N MET A 4 -0.44 -9.51 0.42
CA MET A 4 0.80 -9.47 -0.37
C MET A 4 0.67 -8.45 -1.54
N ARG A 5 0.16 -7.22 -1.18
CA ARG A 5 0.18 -6.10 -2.11
C ARG A 5 1.56 -5.40 -2.03
N VAL A 6 2.50 -5.93 -2.87
CA VAL A 6 3.82 -5.32 -3.05
C VAL A 6 3.63 -4.13 -4.03
N THR A 7 2.94 -3.07 -3.46
CA THR A 7 2.81 -1.76 -4.09
C THR A 7 4.05 -0.92 -3.76
N TYR A 8 4.22 0.18 -4.60
CA TYR A 8 5.14 1.26 -4.21
C TYR A 8 4.39 2.02 -3.09
N PRO A 9 5.12 2.52 -2.03
CA PRO A 9 4.41 2.98 -0.84
C PRO A 9 3.69 4.33 -1.04
N ASP A 10 2.76 4.63 -0.06
CA ASP A 10 1.60 5.50 -0.35
C ASP A 10 1.91 7.03 -0.37
N GLY A 11 3.17 7.39 -0.83
CA GLY A 11 3.43 8.77 -1.18
C GLY A 11 3.75 9.63 0.05
N GLN A 12 4.60 9.03 0.96
CA GLN A 12 5.17 9.74 2.11
C GLN A 12 4.07 10.03 3.17
N LYS A 13 3.17 9.00 3.30
CA LYS A 13 1.90 9.16 4.01
C LYS A 13 1.75 7.94 4.95
N PRO A 14 2.46 7.93 6.13
CA PRO A 14 2.58 6.72 6.96
C PRO A 14 1.35 6.36 7.83
N GLY A 15 0.14 6.59 7.22
CA GLY A 15 -1.11 6.02 7.71
C GLY A 15 -1.54 4.77 6.92
N GLN A 16 -0.67 4.36 5.95
CA GLN A 16 -0.86 3.18 5.13
C GLN A 16 0.53 2.70 4.69
N SER A 17 0.54 1.45 4.10
CA SER A 17 1.69 0.97 3.36
C SER A 17 1.54 1.42 1.90
N ASP A 18 0.47 0.90 1.22
CA ASP A 18 0.04 1.32 -0.11
C ASP A 18 -1.49 1.11 -0.18
N VAL A 19 -2.15 1.86 -1.14
CA VAL A 19 -3.60 1.77 -1.21
C VAL A 19 -4.04 0.32 -1.63
N GLU A 20 -5.32 -0.01 -1.23
CA GLU A 20 -5.87 -1.36 -1.39
C GLU A 20 -6.27 -1.53 -2.88
N LYS A 21 -5.20 -1.75 -3.74
CA LYS A 21 -5.41 -1.65 -5.18
C LYS A 21 -6.06 -2.97 -5.71
N ASP A 22 -5.67 -4.09 -5.01
CA ASP A 22 -6.28 -5.39 -5.21
C ASP A 22 -7.50 -5.55 -4.38
N CYS A 1 -7.63 -9.19 -3.85
CA CYS A 1 -7.59 -10.05 -2.64
C CYS A 1 -6.67 -11.22 -3.00
N GLY A 2 -6.21 -11.96 -1.93
CA GLY A 2 -5.31 -13.10 -2.14
C GLY A 2 -3.85 -12.67 -2.28
N CYS A 3 -3.54 -11.48 -1.66
CA CYS A 3 -2.17 -10.95 -1.63
C CYS A 3 -2.04 -10.16 -0.31
N MET A 4 -0.74 -9.91 0.07
CA MET A 4 -0.39 -9.30 1.35
C MET A 4 0.94 -8.54 1.19
N ARG A 5 0.99 -7.78 0.03
CA ARG A 5 2.09 -6.86 -0.21
C ARG A 5 1.84 -5.50 0.50
N VAL A 6 3.00 -4.86 0.87
CA VAL A 6 3.05 -3.41 1.05
C VAL A 6 3.48 -2.88 -0.34
N THR A 7 3.05 -1.62 -0.65
CA THR A 7 3.25 -1.02 -1.97
C THR A 7 4.21 0.18 -1.87
N TYR A 8 4.25 1.00 -2.97
CA TYR A 8 5.14 2.18 -3.01
C TYR A 8 4.46 3.32 -2.23
N PRO A 9 5.27 4.34 -1.74
CA PRO A 9 4.72 5.40 -0.88
C PRO A 9 3.99 6.46 -1.71
N ASP A 10 2.71 6.11 -2.11
CA ASP A 10 1.94 6.98 -2.99
C ASP A 10 1.53 8.22 -2.15
N GLY A 11 2.20 9.38 -2.50
CA GLY A 11 2.08 10.58 -1.71
C GLY A 11 3.13 10.57 -0.60
N GLN A 12 2.76 9.83 0.52
CA GLN A 12 3.73 9.54 1.58
C GLN A 12 3.36 8.18 2.23
N LYS A 13 2.22 8.19 3.01
CA LYS A 13 1.72 7.01 3.71
C LYS A 13 2.60 6.57 4.91
N PRO A 14 2.85 7.47 5.92
CA PRO A 14 3.77 7.16 7.03
C PRO A 14 3.12 6.15 8.01
N GLY A 15 3.35 4.82 7.67
CA GLY A 15 2.75 3.73 8.43
C GLY A 15 1.30 3.43 8.04
N GLN A 16 0.88 3.99 6.85
CA GLN A 16 -0.45 3.76 6.32
C GLN A 16 -0.36 2.75 5.15
N SER A 17 -1.57 2.30 4.65
CA SER A 17 -1.58 1.47 3.45
C SER A 17 -1.48 2.40 2.22
N ASP A 18 -0.78 1.88 1.16
CA ASP A 18 -0.69 2.56 -0.14
C ASP A 18 -1.92 2.23 -1.01
N VAL A 19 -1.99 2.90 -2.21
CA VAL A 19 -3.24 2.91 -2.99
C VAL A 19 -3.48 1.56 -3.70
N GLU A 20 -2.35 0.97 -4.21
CA GLU A 20 -2.39 -0.24 -5.04
C GLU A 20 -2.65 -1.46 -4.13
N LYS A 21 -3.49 -2.41 -4.69
CA LYS A 21 -3.77 -3.75 -4.16
C LYS A 21 -4.90 -4.30 -5.06
N ASP A 22 -5.38 -5.56 -4.75
CA ASP A 22 -6.63 -6.02 -5.35
C ASP A 22 -7.80 -5.44 -4.63
N CYS A 1 -3.35 -6.88 -5.45
CA CYS A 1 -2.81 -7.80 -6.45
C CYS A 1 -1.81 -8.73 -5.74
N GLY A 2 -2.34 -9.94 -5.35
CA GLY A 2 -1.52 -11.00 -4.79
C GLY A 2 -1.66 -11.21 -3.28
N CYS A 3 -2.86 -10.83 -2.72
CA CYS A 3 -3.35 -11.46 -1.47
C CYS A 3 -2.48 -11.06 -0.25
N MET A 4 -2.51 -9.72 0.04
CA MET A 4 -1.94 -9.17 1.27
C MET A 4 -0.40 -9.18 1.25
N ARG A 5 0.14 -9.14 -0.02
CA ARG A 5 1.52 -8.80 -0.24
C ARG A 5 1.70 -7.27 -0.11
N VAL A 6 3.01 -6.86 0.10
CA VAL A 6 3.25 -5.55 0.71
C VAL A 6 2.81 -4.43 -0.28
N THR A 7 2.09 -3.42 0.32
CA THR A 7 1.81 -2.13 -0.35
C THR A 7 2.80 -1.13 0.28
N TYR A 8 3.38 -0.25 -0.59
CA TYR A 8 4.01 0.99 -0.11
C TYR A 8 2.96 2.09 -0.30
N PRO A 9 2.93 3.15 0.57
CA PRO A 9 1.91 4.18 0.42
C PRO A 9 2.24 5.12 -0.75
N ASP A 10 1.14 5.74 -1.29
CA ASP A 10 1.20 6.46 -2.58
C ASP A 10 1.74 7.90 -2.37
N GLY A 11 2.89 8.00 -1.61
CA GLY A 11 3.63 9.24 -1.52
C GLY A 11 4.65 9.25 -0.39
N GLN A 12 5.20 10.49 -0.15
CA GLN A 12 6.35 10.70 0.74
C GLN A 12 5.91 10.69 2.24
N LYS A 13 5.16 9.63 2.65
CA LYS A 13 4.54 9.54 3.97
C LYS A 13 4.47 8.04 4.38
N PRO A 14 5.63 7.44 4.84
CA PRO A 14 5.70 6.00 5.09
C PRO A 14 4.98 5.61 6.40
N GLY A 15 3.60 5.59 6.28
CA GLY A 15 2.77 5.46 7.46
C GLY A 15 1.28 5.61 7.11
N GLN A 16 0.91 5.07 5.91
CA GLN A 16 -0.46 5.11 5.39
C GLN A 16 -0.73 3.81 4.60
N SER A 17 -2.04 3.63 4.21
CA SER A 17 -2.42 2.60 3.24
C SER A 17 -2.09 3.10 1.81
N ASP A 18 -2.37 2.22 0.79
CA ASP A 18 -2.08 2.51 -0.62
C ASP A 18 -3.34 2.38 -1.49
N VAL A 19 -3.12 2.56 -2.85
CA VAL A 19 -4.22 2.58 -3.80
C VAL A 19 -4.97 1.23 -3.77
N GLU A 20 -4.18 0.11 -3.69
CA GLU A 20 -4.72 -1.23 -3.80
C GLU A 20 -5.66 -1.56 -2.61
N LYS A 21 -6.69 -2.41 -2.94
CA LYS A 21 -7.46 -3.15 -1.94
C LYS A 21 -7.32 -4.60 -2.44
N ASP A 22 -6.24 -5.28 -1.92
CA ASP A 22 -5.72 -6.50 -2.57
C ASP A 22 -5.06 -7.35 -1.56
N CYS A 1 -4.79 -7.77 1.26
CA CYS A 1 -3.42 -8.23 1.56
C CYS A 1 -3.12 -9.52 0.78
N GLY A 2 -4.16 -10.43 0.76
CA GLY A 2 -4.04 -11.75 0.15
C GLY A 2 -4.09 -11.79 -1.38
N CYS A 3 -3.97 -10.58 -2.02
CA CYS A 3 -3.65 -10.48 -3.44
C CYS A 3 -2.11 -10.29 -3.65
N MET A 4 -1.32 -10.68 -2.59
CA MET A 4 0.14 -10.50 -2.55
C MET A 4 0.48 -9.00 -2.50
N ARG A 5 -0.44 -8.23 -1.80
CA ARG A 5 -0.35 -6.79 -1.78
C ARG A 5 0.51 -6.31 -0.61
N VAL A 6 1.87 -6.56 -0.79
CA VAL A 6 2.84 -5.59 -0.28
C VAL A 6 2.64 -4.37 -1.24
N THR A 7 2.64 -3.13 -0.64
CA THR A 7 2.39 -1.92 -1.42
C THR A 7 3.73 -1.30 -1.85
N TYR A 8 3.61 -0.30 -2.79
CA TYR A 8 4.78 0.47 -3.25
C TYR A 8 4.99 1.60 -2.22
N PRO A 9 6.11 2.39 -2.35
CA PRO A 9 6.15 3.71 -1.70
C PRO A 9 5.20 4.62 -2.50
N ASP A 10 4.02 4.91 -1.86
CA ASP A 10 2.84 5.43 -2.58
C ASP A 10 2.10 6.40 -1.61
N GLY A 11 1.38 7.39 -2.23
CA GLY A 11 0.69 8.42 -1.47
C GLY A 11 1.71 9.38 -0.85
N GLN A 12 2.22 8.92 0.36
CA GLN A 12 3.53 9.34 0.87
C GLN A 12 3.70 8.60 2.21
N LYS A 13 2.69 8.81 3.13
CA LYS A 13 2.75 8.31 4.50
C LYS A 13 1.35 8.26 5.19
N PRO A 14 0.27 7.74 4.53
CA PRO A 14 -1.07 7.66 5.13
C PRO A 14 -1.22 6.47 6.12
N GLY A 15 -0.43 6.53 7.25
CA GLY A 15 -0.41 5.44 8.23
C GLY A 15 0.43 4.26 7.68
N GLN A 16 -0.19 3.57 6.66
CA GLN A 16 0.58 2.78 5.72
C GLN A 16 1.57 3.73 4.98
N SER A 17 2.47 3.16 4.12
CA SER A 17 3.31 4.00 3.23
C SER A 17 2.85 3.84 1.78
N ASP A 18 1.48 3.69 1.68
CA ASP A 18 0.81 3.28 0.47
C ASP A 18 -0.71 3.48 0.68
N VAL A 19 -1.37 3.97 -0.42
CA VAL A 19 -2.83 3.99 -0.55
C VAL A 19 -3.30 2.64 -1.13
N GLU A 20 -2.37 1.92 -1.86
CA GLU A 20 -2.77 0.71 -2.56
C GLU A 20 -3.24 -0.36 -1.51
N LYS A 21 -4.06 -1.34 -2.04
CA LYS A 21 -4.94 -2.10 -1.16
C LYS A 21 -5.35 -3.44 -1.79
N ASP A 22 -5.73 -4.41 -0.88
CA ASP A 22 -6.38 -5.65 -1.32
C ASP A 22 -7.76 -5.34 -1.76
N CYS A 1 -4.69 -7.66 -1.74
CA CYS A 1 -4.14 -8.38 -2.89
C CYS A 1 -4.63 -9.84 -2.74
N GLY A 2 -4.45 -10.65 -3.83
CA GLY A 2 -4.72 -12.08 -3.79
C GLY A 2 -3.47 -12.91 -3.46
N CYS A 3 -2.27 -12.24 -3.70
CA CYS A 3 -1.01 -12.73 -3.13
C CYS A 3 -0.86 -11.95 -1.79
N MET A 4 0.39 -11.96 -1.18
CA MET A 4 0.59 -11.03 -0.07
C MET A 4 0.60 -9.59 -0.63
N ARG A 5 0.43 -8.61 0.33
CA ARG A 5 0.19 -7.23 -0.08
C ARG A 5 1.44 -6.60 -0.75
N VAL A 6 1.14 -5.71 -1.75
CA VAL A 6 2.08 -5.40 -2.82
C VAL A 6 2.55 -3.94 -2.83
N THR A 7 1.59 -2.96 -2.63
CA THR A 7 2.05 -1.58 -2.52
C THR A 7 2.46 -1.31 -1.06
N TYR A 8 3.30 -0.25 -0.90
CA TYR A 8 3.73 0.25 0.42
C TYR A 8 3.68 1.78 0.26
N PRO A 9 3.45 2.54 1.38
CA PRO A 9 3.04 3.93 1.23
C PRO A 9 4.20 4.90 0.92
N ASP A 10 3.77 6.12 0.42
CA ASP A 10 4.59 6.81 -0.56
C ASP A 10 4.32 8.35 -0.50
N GLY A 11 4.54 9.05 -1.68
CA GLY A 11 4.18 10.45 -1.81
C GLY A 11 5.10 11.36 -0.99
N GLN A 12 4.66 11.55 0.31
CA GLN A 12 5.50 12.20 1.30
C GLN A 12 4.97 11.89 2.71
N LYS A 13 4.51 10.61 2.94
CA LYS A 13 3.81 10.29 4.20
C LYS A 13 3.64 8.76 4.35
N PRO A 14 4.77 8.02 4.64
CA PRO A 14 4.72 6.57 4.76
C PRO A 14 4.07 6.16 6.11
N GLY A 15 2.69 6.21 6.10
CA GLY A 15 1.95 6.13 7.35
C GLY A 15 0.45 5.93 7.10
N GLN A 16 0.15 5.14 6.02
CA GLN A 16 -1.20 4.81 5.57
C GLN A 16 -1.03 3.54 4.70
N SER A 17 -2.17 2.90 4.26
CA SER A 17 -2.06 1.94 3.17
C SER A 17 -2.01 2.68 1.81
N ASP A 18 -1.48 1.91 0.81
CA ASP A 18 -1.41 2.30 -0.59
C ASP A 18 -2.73 1.91 -1.31
N VAL A 19 -2.87 2.42 -2.58
CA VAL A 19 -4.06 2.14 -3.40
C VAL A 19 -4.02 0.75 -4.09
N GLU A 20 -3.62 -0.30 -3.27
CA GLU A 20 -3.83 -1.69 -3.66
C GLU A 20 -5.33 -2.05 -3.44
N LYS A 21 -5.73 -3.25 -3.97
CA LYS A 21 -7.15 -3.67 -3.97
C LYS A 21 -7.31 -4.81 -2.96
N ASP A 22 -7.09 -4.43 -1.65
CA ASP A 22 -6.87 -5.43 -0.60
C ASP A 22 -7.43 -4.96 0.67
N CYS A 1 -7.43 -10.58 -1.96
CA CYS A 1 -7.77 -11.96 -2.36
C CYS A 1 -6.49 -12.77 -2.70
N GLY A 2 -5.43 -12.52 -1.85
CA GLY A 2 -4.12 -13.09 -2.09
C GLY A 2 -3.26 -12.13 -2.93
N CYS A 3 -3.37 -10.80 -2.57
CA CYS A 3 -2.56 -9.79 -3.23
C CYS A 3 -1.15 -9.79 -2.61
N MET A 4 -0.14 -9.41 -3.49
CA MET A 4 1.26 -9.49 -3.08
C MET A 4 2.09 -8.44 -3.88
N ARG A 5 1.47 -7.23 -4.01
CA ARG A 5 2.21 -6.01 -4.34
C ARG A 5 2.30 -5.15 -3.05
N VAL A 6 3.12 -4.05 -3.15
CA VAL A 6 3.23 -3.08 -2.05
C VAL A 6 3.24 -1.71 -2.77
N THR A 7 2.86 -0.64 -2.00
CA THR A 7 2.73 0.71 -2.55
C THR A 7 3.26 1.76 -1.56
N TYR A 8 3.46 3.01 -2.09
CA TYR A 8 4.03 4.13 -1.35
C TYR A 8 3.46 5.42 -1.95
N PRO A 9 3.43 6.53 -1.14
CA PRO A 9 3.27 7.89 -1.68
C PRO A 9 4.69 8.49 -1.86
N ASP A 10 4.69 9.84 -2.07
CA ASP A 10 5.92 10.60 -2.35
C ASP A 10 6.63 10.92 -1.00
N GLY A 11 6.78 9.84 -0.15
CA GLY A 11 7.46 9.94 1.12
C GLY A 11 7.24 8.68 1.96
N GLN A 12 7.57 8.81 3.29
CA GLN A 12 7.79 7.67 4.18
C GLN A 12 6.46 7.03 4.72
N LYS A 13 5.46 6.91 3.78
CA LYS A 13 4.30 6.04 3.99
C LYS A 13 3.33 6.47 5.15
N PRO A 14 2.99 7.80 5.28
CA PRO A 14 2.15 8.25 6.39
C PRO A 14 0.66 7.93 6.12
N GLY A 15 0.25 6.69 6.56
CA GLY A 15 -1.15 6.27 6.53
C GLY A 15 -1.68 5.76 5.19
N GLN A 16 -0.94 6.10 4.08
CA GLN A 16 -1.44 5.90 2.72
C GLN A 16 -1.61 4.39 2.47
N SER A 17 -2.88 3.90 2.72
CA SER A 17 -3.10 2.47 2.54
C SER A 17 -2.99 2.16 1.03
N ASP A 18 -2.52 0.90 0.74
CA ASP A 18 -2.37 0.47 -0.67
C ASP A 18 -3.73 -0.02 -1.18
N VAL A 19 -3.80 -0.38 -2.51
CA VAL A 19 -5.04 -0.92 -3.07
C VAL A 19 -5.22 -2.36 -2.52
N GLU A 20 -4.04 -3.00 -2.25
CA GLU A 20 -3.86 -4.43 -1.99
C GLU A 20 -4.35 -4.82 -0.57
N LYS A 21 -5.55 -4.28 -0.19
CA LYS A 21 -6.23 -4.61 1.07
C LYS A 21 -7.01 -5.95 0.93
N ASP A 22 -6.24 -7.01 0.49
CA ASP A 22 -6.75 -8.36 0.34
C ASP A 22 -5.61 -9.29 0.11
N CYS A 1 -6.15 -6.30 -1.04
CA CYS A 1 -5.89 -7.75 -1.03
C CYS A 1 -4.49 -7.90 -0.39
N GLY A 2 -4.39 -7.25 0.83
CA GLY A 2 -3.10 -6.77 1.32
C GLY A 2 -2.08 -7.79 1.86
N CYS A 3 -2.36 -9.11 1.59
CA CYS A 3 -1.36 -10.17 1.81
C CYS A 3 -0.36 -10.17 0.64
N MET A 4 -0.91 -9.99 -0.63
CA MET A 4 -0.08 -10.06 -1.83
C MET A 4 -0.07 -8.73 -2.62
N ARG A 5 -0.50 -7.63 -1.89
CA ARG A 5 -0.32 -6.27 -2.38
C ARG A 5 0.61 -5.55 -1.39
N VAL A 6 1.96 -5.81 -1.62
CA VAL A 6 2.95 -4.84 -1.16
C VAL A 6 2.85 -3.68 -2.19
N THR A 7 2.94 -2.43 -1.63
CA THR A 7 2.64 -1.21 -2.39
C THR A 7 3.94 -0.44 -2.65
N TYR A 8 3.84 0.50 -3.66
CA TYR A 8 4.95 1.40 -3.97
C TYR A 8 4.92 2.58 -2.96
N PRO A 9 6.08 3.32 -2.81
CA PRO A 9 6.15 4.39 -1.81
C PRO A 9 5.44 5.65 -2.34
N ASP A 10 4.07 5.61 -2.17
CA ASP A 10 3.12 6.52 -2.85
C ASP A 10 3.16 8.04 -2.51
N GLY A 11 4.30 8.50 -1.91
CA GLY A 11 4.44 9.90 -1.55
C GLY A 11 3.85 10.13 -0.15
N GLN A 12 2.52 9.83 0.00
CA GLN A 12 1.77 10.07 1.23
C GLN A 12 2.18 9.02 2.29
N LYS A 13 1.82 7.72 2.03
CA LYS A 13 2.25 6.58 2.81
C LYS A 13 1.55 6.57 4.20
N PRO A 14 0.17 6.49 4.25
CA PRO A 14 -0.55 6.64 5.52
C PRO A 14 -0.48 5.35 6.35
N GLY A 15 0.68 5.24 7.08
CA GLY A 15 0.94 4.10 7.92
C GLY A 15 1.25 2.87 7.07
N GLN A 16 0.34 1.84 7.21
CA GLN A 16 0.43 0.65 6.38
C GLN A 16 -0.34 0.80 5.06
N SER A 17 -1.33 1.76 5.05
CA SER A 17 -2.36 1.83 4.01
C SER A 17 -1.86 2.56 2.74
N ASP A 18 -0.74 2.00 2.18
CA ASP A 18 -0.22 2.49 0.90
C ASP A 18 -1.23 2.24 -0.24
N VAL A 19 -1.06 3.08 -1.32
CA VAL A 19 -2.00 3.11 -2.42
C VAL A 19 -1.86 1.76 -3.16
N GLU A 20 -3.07 1.20 -3.53
CA GLU A 20 -3.21 -0.10 -4.19
C GLU A 20 -3.07 -1.28 -3.19
N LYS A 21 -3.48 -0.99 -1.88
CA LYS A 21 -3.40 -2.07 -0.90
C LYS A 21 -4.50 -3.14 -1.15
N ASP A 22 -5.63 -2.68 -1.77
CA ASP A 22 -6.68 -3.58 -2.25
C ASP A 22 -7.61 -2.82 -3.11
N CYS A 1 -6.80 -11.80 -1.64
CA CYS A 1 -5.50 -12.27 -1.11
C CYS A 1 -4.39 -11.69 -2.00
N GLY A 2 -4.04 -10.39 -1.72
CA GLY A 2 -3.24 -9.56 -2.59
C GLY A 2 -1.74 -9.89 -2.56
N CYS A 3 -1.40 -11.13 -3.06
CA CYS A 3 -0.08 -11.72 -2.77
C CYS A 3 1.05 -10.87 -3.39
N MET A 4 0.72 -10.26 -4.59
CA MET A 4 1.63 -9.32 -5.24
C MET A 4 0.90 -7.98 -5.48
N ARG A 5 -0.01 -7.64 -4.50
CA ARG A 5 -0.84 -6.42 -4.54
C ARG A 5 -1.05 -5.85 -3.13
N VAL A 6 0.11 -5.29 -2.62
CA VAL A 6 0.05 -3.98 -1.94
C VAL A 6 0.79 -2.99 -2.89
N THR A 7 0.57 -1.65 -2.71
CA THR A 7 1.45 -0.64 -3.29
C THR A 7 2.60 -0.31 -2.33
N TYR A 8 3.70 0.27 -2.94
CA TYR A 8 4.69 1.01 -2.14
C TYR A 8 4.23 2.48 -2.15
N PRO A 9 4.60 3.27 -1.09
CA PRO A 9 4.10 4.64 -0.98
C PRO A 9 4.89 5.65 -1.83
N ASP A 10 4.29 6.89 -1.84
CA ASP A 10 4.92 8.11 -2.36
C ASP A 10 6.12 8.54 -1.49
N GLY A 11 5.94 8.40 -0.13
CA GLY A 11 6.88 9.01 0.78
C GLY A 11 6.69 8.50 2.21
N GLN A 12 7.16 9.38 3.17
CA GLN A 12 7.40 8.88 4.52
C GLN A 12 6.12 8.64 5.33
N LYS A 13 5.02 9.40 4.96
CA LYS A 13 3.83 9.43 5.80
C LYS A 13 2.47 9.75 5.11
N PRO A 14 2.11 9.05 3.99
CA PRO A 14 0.78 9.20 3.37
C PRO A 14 -0.26 8.39 4.20
N GLY A 15 -0.56 8.96 5.42
CA GLY A 15 -1.26 8.20 6.43
C GLY A 15 -0.29 7.16 7.01
N GLN A 16 -0.28 5.96 6.31
CA GLN A 16 0.72 4.93 6.55
C GLN A 16 1.37 4.48 5.21
N SER A 17 0.49 4.07 4.24
CA SER A 17 0.90 3.55 2.92
C SER A 17 -0.41 3.29 2.14
N ASP A 18 -0.26 3.03 0.80
CA ASP A 18 -1.40 2.59 0.00
C ASP A 18 -1.73 1.12 0.31
N VAL A 19 -3.07 0.81 0.20
CA VAL A 19 -3.57 -0.51 0.57
C VAL A 19 -4.85 -0.80 -0.25
N GLU A 20 -4.63 -1.37 -1.48
CA GLU A 20 -5.65 -2.16 -2.15
C GLU A 20 -5.86 -3.48 -1.36
N LYS A 21 -6.87 -4.31 -1.81
CA LYS A 21 -7.18 -5.57 -1.15
C LYS A 21 -7.90 -6.49 -2.15
N ASP A 22 -8.17 -7.75 -1.69
CA ASP A 22 -8.63 -8.81 -2.60
C ASP A 22 -10.00 -8.55 -3.08
N CYS A 1 -6.05 -11.98 -0.37
CA CYS A 1 -5.86 -13.34 -0.89
C CYS A 1 -6.09 -13.21 -2.40
N GLY A 2 -4.95 -12.92 -3.14
CA GLY A 2 -4.99 -12.86 -4.58
C GLY A 2 -3.73 -12.25 -5.20
N CYS A 3 -3.08 -11.34 -4.42
CA CYS A 3 -1.94 -10.57 -4.93
C CYS A 3 -1.18 -9.97 -3.72
N MET A 4 0.06 -9.43 -4.04
CA MET A 4 0.81 -8.68 -3.04
C MET A 4 0.34 -7.21 -3.06
N ARG A 5 0.85 -6.41 -2.06
CA ARG A 5 0.62 -4.97 -2.07
C ARG A 5 1.64 -4.38 -3.06
N VAL A 6 1.13 -4.23 -4.34
CA VAL A 6 1.99 -3.80 -5.46
C VAL A 6 2.23 -2.27 -5.35
N THR A 7 1.17 -1.57 -4.82
CA THR A 7 1.20 -0.12 -4.73
C THR A 7 2.13 0.35 -3.59
N TYR A 8 2.75 1.55 -3.85
CA TYR A 8 3.77 2.09 -2.95
C TYR A 8 3.12 2.73 -1.69
N PRO A 9 3.97 3.00 -0.65
CA PRO A 9 3.54 3.85 0.47
C PRO A 9 3.58 5.33 0.06
N ASP A 10 3.10 6.18 1.03
CA ASP A 10 3.02 7.63 0.89
C ASP A 10 4.40 8.31 1.09
N GLY A 11 5.35 7.93 0.16
CA GLY A 11 6.65 8.55 0.06
C GLY A 11 7.61 7.99 1.11
N GLN A 12 7.40 8.52 2.38
CA GLN A 12 7.95 7.85 3.56
C GLN A 12 6.80 6.96 4.10
N LYS A 13 6.20 7.35 5.29
CA LYS A 13 4.96 6.70 5.72
C LYS A 13 4.10 7.55 6.68
N PRO A 14 3.86 8.88 6.40
CA PRO A 14 3.22 9.75 7.40
C PRO A 14 1.75 9.45 7.75
N GLY A 15 0.94 8.89 6.76
CA GLY A 15 -0.49 8.82 7.04
C GLY A 15 -1.38 8.08 6.04
N GLN A 16 -1.10 8.34 4.72
CA GLN A 16 -1.86 7.73 3.63
C GLN A 16 -1.26 6.33 3.32
N SER A 17 -1.76 5.70 2.21
CA SER A 17 -1.09 4.68 1.39
C SER A 17 -2.16 3.90 0.60
N ASP A 18 -1.68 3.01 -0.36
CA ASP A 18 -2.62 2.37 -1.29
C ASP A 18 -3.52 1.33 -0.53
N VAL A 19 -4.63 0.89 -1.23
CA VAL A 19 -5.66 0.07 -0.59
C VAL A 19 -5.48 -1.47 -0.75
N GLU A 20 -4.32 -1.87 -1.36
CA GLU A 20 -4.16 -3.18 -2.00
C GLU A 20 -3.79 -4.21 -0.91
N LYS A 21 -4.87 -4.57 -0.12
CA LYS A 21 -4.69 -5.30 1.15
C LYS A 21 -4.45 -6.82 0.95
N ASP A 22 -4.73 -7.30 -0.31
CA ASP A 22 -4.41 -8.67 -0.70
C ASP A 22 -4.49 -8.80 -2.18
N CYS A 1 -4.61 -8.13 -5.31
CA CYS A 1 -4.64 -9.08 -4.20
C CYS A 1 -5.17 -8.33 -2.97
N GLY A 2 -5.84 -9.09 -2.05
CA GLY A 2 -6.35 -8.51 -0.81
C GLY A 2 -5.36 -8.62 0.36
N CYS A 3 -4.50 -9.69 0.28
CA CYS A 3 -3.63 -10.07 1.39
C CYS A 3 -2.35 -9.22 1.34
N MET A 4 -1.32 -9.74 0.58
CA MET A 4 -0.07 -8.98 0.41
C MET A 4 -0.29 -7.97 -0.73
N ARG A 5 0.53 -6.87 -0.70
CA ARG A 5 0.49 -5.85 -1.74
C ARG A 5 1.95 -5.62 -2.19
N VAL A 6 2.11 -5.19 -3.49
CA VAL A 6 3.42 -4.81 -4.01
C VAL A 6 3.39 -3.27 -4.05
N THR A 7 3.55 -2.66 -2.82
CA THR A 7 3.40 -1.22 -2.65
C THR A 7 4.39 -0.73 -1.58
N TYR A 8 4.72 0.60 -1.67
CA TYR A 8 5.42 1.30 -0.60
C TYR A 8 4.36 1.78 0.43
N PRO A 9 4.77 2.07 1.71
CA PRO A 9 3.82 2.49 2.77
C PRO A 9 3.54 4.02 2.72
N ASP A 10 3.18 4.47 1.47
CA ASP A 10 3.06 5.89 1.13
C ASP A 10 1.96 6.00 0.02
N GLY A 11 2.12 6.96 -0.93
CA GLY A 11 1.04 7.43 -1.78
C GLY A 11 0.38 8.75 -1.29
N GLN A 12 0.98 9.38 -0.23
CA GLN A 12 0.71 10.75 0.20
C GLN A 12 1.45 11.17 1.50
N LYS A 13 2.00 10.16 2.24
CA LYS A 13 2.76 10.41 3.48
C LYS A 13 3.41 9.08 3.92
N PRO A 14 4.66 9.12 4.50
CA PRO A 14 5.39 7.88 4.80
C PRO A 14 4.90 7.37 6.17
N GLY A 15 3.65 6.76 6.11
CA GLY A 15 2.86 6.64 7.31
C GLY A 15 1.47 6.07 7.05
N GLN A 16 1.42 5.04 6.15
CA GLN A 16 0.18 4.33 5.87
C GLN A 16 0.46 2.94 5.28
N SER A 17 -0.61 2.07 5.29
CA SER A 17 -0.57 0.86 4.49
C SER A 17 -1.10 1.19 3.08
N ASP A 18 -0.61 0.40 2.08
CA ASP A 18 -1.07 0.49 0.69
C ASP A 18 -2.22 -0.52 0.48
N VAL A 19 -3.03 -0.27 -0.60
CA VAL A 19 -4.23 -1.06 -0.89
C VAL A 19 -4.43 -1.11 -2.43
N GLU A 20 -3.27 -1.06 -3.17
CA GLU A 20 -3.30 -0.85 -4.61
C GLU A 20 -3.24 -2.21 -5.32
N LYS A 21 -4.20 -2.34 -6.32
CA LYS A 21 -5.33 -3.21 -5.93
C LYS A 21 -5.01 -4.70 -6.19
N ASP A 22 -4.02 -4.94 -7.14
CA ASP A 22 -3.39 -6.25 -7.24
C ASP A 22 -2.29 -6.20 -8.22
N CYS A 1 -2.42 -2.57 -7.70
CA CYS A 1 -3.28 -2.11 -6.61
C CYS A 1 -3.53 -3.23 -5.56
N GLY A 2 -2.46 -4.02 -5.28
CA GLY A 2 -2.45 -5.04 -4.25
C GLY A 2 -3.18 -6.30 -4.71
N CYS A 3 -2.71 -7.46 -4.14
CA CYS A 3 -3.41 -8.73 -4.26
C CYS A 3 -4.35 -8.84 -3.03
N MET A 4 -3.68 -9.00 -1.83
CA MET A 4 -4.40 -9.16 -0.57
C MET A 4 -4.78 -7.79 0.02
N ARG A 5 -3.80 -6.81 -0.04
CA ARG A 5 -4.18 -5.39 0.05
C ARG A 5 -4.58 -4.93 1.49
N VAL A 6 -4.09 -5.69 2.51
CA VAL A 6 -4.34 -5.37 3.91
C VAL A 6 -3.18 -4.42 4.33
N THR A 7 -3.27 -3.15 3.82
CA THR A 7 -2.16 -2.20 3.90
C THR A 7 -2.62 -0.77 3.54
N TYR A 8 -1.62 0.17 3.52
CA TYR A 8 -1.87 1.54 3.06
C TYR A 8 -1.81 1.52 1.52
N PRO A 9 -2.64 2.36 0.82
CA PRO A 9 -2.71 2.27 -0.65
C PRO A 9 -1.54 3.00 -1.34
N ASP A 10 -1.46 2.75 -2.70
CA ASP A 10 -0.27 3.06 -3.50
C ASP A 10 -0.11 4.57 -3.86
N GLY A 11 -0.35 5.45 -2.82
CA GLY A 11 0.17 6.79 -2.90
C GLY A 11 1.63 6.81 -2.49
N GLN A 12 2.30 8.01 -2.73
CA GLN A 12 3.76 8.04 -2.57
C GLN A 12 4.18 7.74 -1.11
N LYS A 13 3.33 8.26 -0.16
CA LYS A 13 3.46 7.93 1.26
C LYS A 13 2.28 8.54 2.04
N PRO A 14 1.06 7.89 1.97
CA PRO A 14 -0.09 8.35 2.75
C PRO A 14 0.10 7.93 4.23
N GLY A 15 1.07 8.66 4.89
CA GLY A 15 1.72 8.11 6.06
C GLY A 15 2.93 7.31 5.60
N GLN A 16 2.64 6.06 5.11
CA GLN A 16 3.66 5.12 4.65
C GLN A 16 3.04 4.14 3.62
N SER A 17 3.93 3.25 3.04
CA SER A 17 3.45 2.10 2.25
C SER A 17 3.67 0.85 3.13
N ASP A 18 3.47 -0.38 2.53
CA ASP A 18 3.69 -1.62 3.28
C ASP A 18 4.23 -2.76 2.34
N VAL A 19 4.12 -4.05 2.81
CA VAL A 19 4.67 -5.20 2.07
C VAL A 19 3.75 -5.59 0.88
N GLU A 20 2.41 -5.25 1.03
CA GLU A 20 1.54 -5.16 -0.14
C GLU A 20 1.68 -3.76 -0.76
N LYS A 21 1.49 -3.76 -2.14
CA LYS A 21 1.89 -2.66 -3.01
C LYS A 21 1.35 -2.94 -4.44
N ASP A 22 1.65 -1.99 -5.38
CA ASP A 22 1.16 -2.09 -6.74
C ASP A 22 1.97 -1.28 -7.66
N CYS A 1 -5.00 -7.73 -3.96
CA CYS A 1 -5.86 -8.46 -3.02
C CYS A 1 -5.53 -7.90 -1.62
N GLY A 2 -6.39 -8.25 -0.60
CA GLY A 2 -6.30 -7.58 0.68
C GLY A 2 -5.03 -7.94 1.46
N CYS A 3 -4.57 -9.22 1.23
CA CYS A 3 -3.25 -9.66 1.65
C CYS A 3 -2.33 -9.57 0.41
N MET A 4 -0.98 -9.46 0.69
CA MET A 4 0.05 -9.48 -0.37
C MET A 4 0.00 -8.17 -1.22
N ARG A 5 -0.21 -7.03 -0.46
CA ARG A 5 0.04 -5.71 -1.02
C ARG A 5 1.55 -5.41 -0.86
N VAL A 6 2.34 -5.94 -1.85
CA VAL A 6 3.73 -5.51 -2.04
C VAL A 6 3.63 -4.21 -2.90
N THR A 7 3.00 -3.18 -2.25
CA THR A 7 2.83 -1.85 -2.84
C THR A 7 4.01 -0.95 -2.43
N TYR A 8 4.06 0.27 -3.08
CA TYR A 8 5.17 1.20 -2.85
C TYR A 8 4.86 2.04 -1.61
N PRO A 9 5.81 2.96 -1.20
CA PRO A 9 5.50 3.96 -0.18
C PRO A 9 4.80 5.14 -0.91
N ASP A 10 3.50 4.89 -1.29
CA ASP A 10 2.81 5.49 -2.45
C ASP A 10 2.61 7.03 -2.37
N GLY A 11 3.76 7.78 -2.50
CA GLY A 11 3.70 9.24 -2.48
C GLY A 11 3.47 9.72 -1.04
N GLN A 12 2.14 9.70 -0.65
CA GLN A 12 1.74 9.75 0.76
C GLN A 12 2.09 8.39 1.43
N LYS A 13 1.68 8.22 2.74
CA LYS A 13 1.84 6.94 3.46
C LYS A 13 1.29 7.14 4.89
N PRO A 14 -0.08 7.24 5.04
CA PRO A 14 -0.70 7.59 6.33
C PRO A 14 -0.70 6.39 7.29
N GLY A 15 0.54 6.04 7.80
CA GLY A 15 0.75 4.88 8.64
C GLY A 15 0.83 3.59 7.83
N GLN A 16 -0.33 3.29 7.15
CA GLN A 16 -0.39 2.24 6.14
C GLN A 16 0.39 2.77 4.90
N SER A 17 1.25 1.84 4.34
CA SER A 17 2.33 2.32 3.46
C SER A 17 1.81 2.75 2.08
N ASP A 18 0.90 1.88 1.53
CA ASP A 18 0.32 2.04 0.20
C ASP A 18 -1.20 2.22 0.26
N VAL A 19 -1.75 2.81 -0.84
CA VAL A 19 -3.17 3.18 -0.91
C VAL A 19 -3.91 2.54 -2.10
N GLU A 20 -3.21 1.54 -2.75
CA GLU A 20 -3.88 0.63 -3.66
C GLU A 20 -4.52 -0.51 -2.80
N LYS A 21 -5.56 -1.14 -3.42
CA LYS A 21 -6.26 -2.29 -2.88
C LYS A 21 -5.33 -3.52 -2.80
N ASP A 22 -4.48 -3.67 -3.86
CA ASP A 22 -3.71 -4.88 -4.10
C ASP A 22 -2.31 -4.54 -4.46
N CYS A 1 -2.84 -9.27 -7.31
CA CYS A 1 -3.52 -10.28 -8.14
C CYS A 1 -3.10 -11.69 -7.65
N GLY A 2 -2.98 -11.81 -6.28
CA GLY A 2 -2.83 -13.13 -5.68
C GLY A 2 -2.50 -13.02 -4.20
N CYS A 3 -1.15 -12.95 -3.91
CA CYS A 3 -0.65 -12.97 -2.52
C CYS A 3 -0.78 -11.56 -1.90
N MET A 4 -2.07 -11.15 -1.66
CA MET A 4 -2.37 -9.72 -1.52
C MET A 4 -1.55 -9.11 -0.37
N ARG A 5 -1.10 -7.84 -0.61
CA ARG A 5 -0.31 -7.07 0.34
C ARG A 5 -1.23 -5.93 0.89
N VAL A 6 -0.72 -5.25 1.97
CA VAL A 6 -1.20 -3.90 2.26
C VAL A 6 -0.36 -2.97 1.35
N THR A 7 -0.96 -1.78 1.04
CA THR A 7 -0.24 -0.71 0.36
C THR A 7 0.40 0.18 1.43
N TYR A 8 1.58 0.77 1.05
CA TYR A 8 2.33 1.69 1.92
C TYR A 8 3.24 2.47 0.94
N PRO A 9 2.78 3.68 0.47
CA PRO A 9 3.51 4.44 -0.53
C PRO A 9 4.65 5.28 0.11
N ASP A 10 5.48 5.89 -0.80
CA ASP A 10 6.42 6.91 -0.38
C ASP A 10 6.60 7.92 -1.55
N GLY A 11 7.07 9.15 -1.15
CA GLY A 11 7.64 10.12 -2.05
C GLY A 11 8.12 11.25 -1.13
N GLN A 12 7.18 12.25 -0.96
CA GLN A 12 7.30 13.27 0.10
C GLN A 12 6.61 12.78 1.40
N LYS A 13 6.80 11.44 1.69
CA LYS A 13 6.52 10.84 2.99
C LYS A 13 5.03 10.77 3.44
N PRO A 14 4.07 10.40 2.52
CA PRO A 14 2.66 10.17 2.90
C PRO A 14 2.46 8.75 3.49
N GLY A 15 3.22 8.48 4.61
CA GLY A 15 3.40 7.13 5.12
C GLY A 15 2.26 6.61 6.01
N GLN A 16 1.01 6.74 5.47
CA GLN A 16 -0.12 5.95 5.97
C GLN A 16 -0.16 4.59 5.25
N SER A 17 -0.91 3.63 5.90
CA SER A 17 -1.16 2.33 5.28
C SER A 17 -2.44 2.40 4.44
N ASP A 18 -2.58 1.36 3.54
CA ASP A 18 -3.77 1.20 2.70
C ASP A 18 -4.03 -0.29 2.45
N VAL A 19 -5.33 -0.60 2.14
CA VAL A 19 -5.74 -1.96 1.75
C VAL A 19 -6.02 -1.87 0.23
N GLU A 20 -5.77 -3.03 -0.46
CA GLU A 20 -6.08 -3.19 -1.89
C GLU A 20 -6.26 -4.72 -2.10
N LYS A 21 -6.47 -5.11 -3.39
CA LYS A 21 -6.94 -6.43 -3.82
C LYS A 21 -6.41 -6.82 -5.23
N ASP A 22 -5.30 -6.14 -5.67
CA ASP A 22 -4.89 -6.11 -7.08
C ASP A 22 -5.96 -5.46 -7.89
N CYS A 1 -6.01 -5.93 0.62
CA CYS A 1 -6.15 -5.08 1.81
C CYS A 1 -4.81 -5.11 2.55
N GLY A 2 -3.71 -4.85 1.75
CA GLY A 2 -2.38 -4.70 2.30
C GLY A 2 -1.66 -6.02 2.60
N CYS A 3 -2.44 -6.97 3.25
CA CYS A 3 -1.82 -8.03 4.05
C CYS A 3 -0.94 -9.01 3.26
N MET A 4 -1.33 -9.23 1.96
CA MET A 4 -0.50 -9.99 1.03
C MET A 4 -0.41 -9.23 -0.32
N ARG A 5 -0.55 -7.86 -0.23
CA ARG A 5 -0.34 -7.01 -1.40
C ARG A 5 -0.24 -5.54 -0.92
N VAL A 6 1.01 -5.20 -0.48
CA VAL A 6 1.40 -3.80 -0.23
C VAL A 6 2.36 -3.43 -1.38
N THR A 7 2.59 -2.09 -1.57
CA THR A 7 3.52 -1.56 -2.57
C THR A 7 4.57 -0.67 -1.85
N TYR A 8 5.42 0.06 -2.66
CA TYR A 8 6.35 1.04 -2.05
C TYR A 8 5.49 2.29 -1.78
N PRO A 9 5.86 3.14 -0.76
CA PRO A 9 4.88 4.09 -0.23
C PRO A 9 4.58 5.31 -1.13
N ASP A 10 3.36 5.87 -0.85
CA ASP A 10 2.75 6.94 -1.64
C ASP A 10 3.06 8.36 -1.13
N GLY A 11 2.89 8.55 0.22
CA GLY A 11 2.62 9.88 0.71
C GLY A 11 1.87 9.79 2.04
N GLN A 12 0.83 10.69 2.21
CA GLN A 12 -0.27 10.45 3.16
C GLN A 12 0.07 10.40 4.69
N LYS A 13 1.38 10.70 5.01
CA LYS A 13 2.02 10.18 6.23
C LYS A 13 2.26 8.67 5.95
N PRO A 14 3.54 8.25 5.63
CA PRO A 14 3.71 6.98 4.91
C PRO A 14 3.59 5.75 5.84
N GLY A 15 3.90 4.57 5.22
CA GLY A 15 3.69 3.27 5.84
C GLY A 15 3.17 2.32 4.76
N GLN A 16 2.21 1.44 5.18
CA GLN A 16 1.60 0.46 4.29
C GLN A 16 0.49 1.16 3.47
N SER A 17 0.94 2.11 2.58
CA SER A 17 0.05 3.03 1.90
C SER A 17 0.57 3.25 0.47
N ASP A 18 -0.16 2.62 -0.51
CA ASP A 18 0.10 2.88 -1.93
C ASP A 18 -1.12 2.55 -2.81
N VAL A 19 -2.33 2.84 -2.20
CA VAL A 19 -3.55 3.11 -2.98
C VAL A 19 -4.03 1.91 -3.84
N GLU A 20 -3.66 0.67 -3.38
CA GLU A 20 -3.92 -0.56 -4.14
C GLU A 20 -5.36 -1.07 -3.84
N LYS A 21 -5.65 -2.32 -4.33
CA LYS A 21 -6.90 -3.03 -4.15
C LYS A 21 -6.59 -4.53 -3.87
N ASP A 22 -7.63 -5.21 -3.28
CA ASP A 22 -7.45 -6.58 -2.80
C ASP A 22 -8.76 -7.18 -2.46
#